data_6W13
#
_entry.id   6W13
#
_cell.length_a   90.707
_cell.length_b   90.707
_cell.length_c   210.803
_cell.angle_alpha   90.000
_cell.angle_beta   90.000
_cell.angle_gamma   120.000
#
_symmetry.space_group_name_H-M   'P 65 2 2'
#
loop_
_entity.id
_entity.type
_entity.pdbx_description
1 polymer 'N-glycosylase/DNA lyase'
2 polymer "DNA (5'-D(P*CP*AP*(8OG)P*GP*TP*CP*T)-3')"
3 polymer "DNA (5'-D(P*AP*CP*CP*TP*GP*G)-3')"
4 non-polymer 'MAGNESIUM ION'
5 non-polymer 'ACETATE ION'
6 non-polymer 2-(2-ethoxyethoxy)ethanethiol
7 water water
#
loop_
_entity_poly.entity_id
_entity_poly.type
_entity_poly.pdbx_seq_one_letter_code
_entity_poly.pdbx_strand_id
1 'polypeptide(L)'
;GSEGHRTLASTPALWASIPCPRSELRLDLVLPSGQSFRWREQSPAHWSGVLADQVWTLTQTEEQLHCTVYRGDKSQASRP
TPDELEAVRKYFQLDVTLAQLYHHWGSVDSHFQQVAQKFQGVRLLRQDPIECLFSFICSSNNNIARITGMVERLCQAFGP
RLIQLDDVTYHGFPSLQALAGPEVEAHLRKLGLGYRARCVSASARAILEEQGGLAWLQQLRESSYEEAHKALCILPGVGT
KVADWICLMALDKPQAVPVDVHMWHIAQRDYSWHPTTSQAKGPSPQTNKELGNFFRSLWGPYAGWAQAVLFSADLRQ
;
A
2 'polydeoxyribonucleotide' (DC)(DA)(8OG)(DG)(DT)(DC)(DT) B
3 'polydeoxyribonucleotide' (DA)(DC)(DC)(DT)(DG)(DG) C
#
# COMPACT_ATOMS: atom_id res chain seq x y z
N GLY A 1 22.74 21.02 -10.03
CA GLY A 1 22.45 21.12 -8.57
C GLY A 1 20.99 21.39 -8.31
N SER A 2 20.50 22.48 -8.91
CA SER A 2 19.10 22.93 -8.83
C SER A 2 18.13 22.19 -9.75
N GLU A 3 18.66 21.41 -10.69
CA GLU A 3 17.86 20.53 -11.54
C GLU A 3 18.00 19.12 -11.03
N GLY A 4 16.98 18.29 -11.27
CA GLY A 4 17.04 16.85 -10.99
C GLY A 4 16.50 16.46 -9.63
N HIS A 5 16.55 15.16 -9.37
CA HIS A 5 16.21 14.58 -8.08
C HIS A 5 17.26 14.95 -7.04
N ARG A 6 16.80 15.49 -5.90
CA ARG A 6 17.68 15.91 -4.83
C ARG A 6 18.21 14.74 -3.99
N THR A 7 19.37 14.96 -3.39
CA THR A 7 19.89 14.12 -2.35
C THR A 7 20.24 15.00 -1.15
N LEU A 8 20.16 14.41 0.02
CA LEU A 8 20.47 15.03 1.31
C LEU A 8 21.83 15.76 1.31
N ALA A 9 22.84 15.13 0.69
CA ALA A 9 24.15 15.76 0.50
C ALA A 9 24.16 16.93 -0.50
N SER A 10 23.51 16.76 -1.64
CA SER A 10 23.61 17.70 -2.77
C SER A 10 22.87 19.02 -2.56
N THR A 11 21.77 19.02 -1.82
CA THR A 11 20.99 20.24 -1.53
C THR A 11 20.49 20.27 -0.08
N PRO A 12 21.42 20.29 0.91
CA PRO A 12 21.02 20.14 2.33
C PRO A 12 20.03 21.20 2.85
N ALA A 13 20.07 22.41 2.30
CA ALA A 13 19.16 23.48 2.72
C ALA A 13 17.67 23.26 2.42
N LEU A 14 17.34 22.37 1.48
CA LEU A 14 15.94 22.07 1.11
C LEU A 14 15.33 20.81 1.78
N TRP A 15 16.03 20.21 2.74
CA TRP A 15 15.47 19.08 3.52
C TRP A 15 14.99 19.49 4.91
N ALA A 16 14.06 18.70 5.46
CA ALA A 16 13.62 18.84 6.84
C ALA A 16 13.40 17.46 7.41
N SER A 17 13.87 17.28 8.64
CA SER A 17 13.88 15.96 9.29
C SER A 17 12.65 15.80 10.18
N ILE A 18 12.11 14.59 10.20
CA ILE A 18 11.06 14.16 11.12
C ILE A 18 11.72 13.16 12.07
N PRO A 19 11.67 13.40 13.41
CA PRO A 19 12.20 12.39 14.35
C PRO A 19 11.47 11.04 14.19
N CYS A 20 12.24 9.99 13.90
CA CYS A 20 11.69 8.69 13.52
C CYS A 20 12.84 7.68 13.48
N PRO A 21 12.94 6.80 14.49
CA PRO A 21 13.99 5.77 14.47
C PRO A 21 13.82 4.80 13.32
N ARG A 22 14.94 4.24 12.87
CA ARG A 22 14.92 3.19 11.84
C ARG A 22 14.10 1.96 12.27
N SER A 23 14.01 1.72 13.58
CA SER A 23 13.19 0.64 14.14
C SER A 23 11.66 0.88 14.04
N GLU A 24 11.27 2.15 13.97
CA GLU A 24 9.89 2.55 13.64
C GLU A 24 9.54 2.56 12.14
N LEU A 25 10.54 2.53 11.25
CA LEU A 25 10.32 2.68 9.81
C LEU A 25 11.57 2.34 9.01
N ARG A 26 11.50 1.27 8.23
CA ARG A 26 12.51 0.95 7.24
C ARG A 26 11.91 1.26 5.87
N LEU A 27 12.36 2.33 5.23
CA LEU A 27 11.87 2.70 3.89
C LEU A 27 12.11 1.59 2.87
N ASP A 28 13.25 0.92 2.97
CA ASP A 28 13.62 -0.12 1.99
C ASP A 28 12.81 -1.39 2.12
N LEU A 29 12.05 -1.52 3.22
CA LEU A 29 11.14 -2.66 3.39
C LEU A 29 9.66 -2.29 3.21
N VAL A 30 9.34 -1.01 3.29
CA VAL A 30 7.98 -0.53 3.16
C VAL A 30 7.69 -0.08 1.74
N LEU A 31 8.53 0.81 1.21
CA LEU A 31 8.26 1.45 -0.08
C LEU A 31 8.41 0.62 -1.35
N PRO A 32 9.23 -0.44 -1.35
CA PRO A 32 9.29 -1.29 -2.55
C PRO A 32 8.53 -2.62 -2.45
N SER A 33 7.83 -2.88 -1.35
CA SER A 33 7.38 -4.23 -1.01
C SER A 33 5.96 -4.61 -1.47
N GLY A 34 5.48 -3.95 -2.52
CA GLY A 34 4.14 -4.21 -3.05
C GLY A 34 2.97 -3.75 -2.19
N GLN A 35 3.14 -2.65 -1.46
CA GLN A 35 2.03 -1.93 -0.82
C GLN A 35 1.57 -0.83 -1.78
N SER A 36 2.49 0.11 -2.04
CA SER A 36 2.38 1.10 -3.12
C SER A 36 3.25 0.61 -4.25
N PHE A 37 2.86 0.89 -5.49
CA PHE A 37 3.67 0.54 -6.65
C PHE A 37 4.30 1.78 -7.30
N ARG A 38 4.30 2.90 -6.59
CA ARG A 38 4.65 4.21 -7.18
C ARG A 38 5.83 4.96 -6.52
N TRP A 39 6.65 4.24 -5.74
CA TRP A 39 7.88 4.78 -5.17
C TRP A 39 9.09 4.20 -5.90
N ARG A 40 10.10 5.03 -6.17
CA ARG A 40 11.31 4.58 -6.89
C ARG A 40 12.56 5.05 -6.16
N GLU A 41 13.50 4.14 -5.93
CA GLU A 41 14.81 4.48 -5.42
C GLU A 41 15.69 5.06 -6.55
N GLN A 42 15.50 6.35 -6.85
CA GLN A 42 16.15 6.99 -8.02
C GLN A 42 17.61 7.28 -7.77
N SER A 43 17.96 7.58 -6.52
CA SER A 43 19.35 7.58 -6.04
C SER A 43 19.41 6.55 -4.91
N PRO A 44 20.61 5.99 -4.62
CA PRO A 44 20.77 5.06 -3.51
C PRO A 44 20.24 5.62 -2.20
N ALA A 45 19.38 4.86 -1.52
CA ALA A 45 18.77 5.25 -0.24
C ALA A 45 17.82 6.45 -0.29
N HIS A 46 17.44 6.88 -1.49
CA HIS A 46 16.54 8.02 -1.66
C HIS A 46 15.35 7.60 -2.49
N TRP A 47 14.16 7.75 -1.92
CA TRP A 47 12.93 7.22 -2.51
C TRP A 47 12.04 8.38 -2.90
N SER A 48 11.67 8.41 -4.18
CA SER A 48 10.87 9.50 -4.76
C SER A 48 9.51 9.01 -5.21
N GLY A 49 8.50 9.82 -4.95
CA GLY A 49 7.12 9.47 -5.27
C GLY A 49 6.14 10.60 -4.95
N VAL A 50 4.89 10.37 -5.31
CA VAL A 50 3.83 11.33 -5.12
C VAL A 50 3.12 11.03 -3.82
N LEU A 51 2.97 12.07 -3.01
CA LEU A 51 2.40 11.98 -1.66
C LEU A 51 1.67 13.27 -1.42
N ALA A 52 0.39 13.18 -1.10
CA ALA A 52 -0.48 14.35 -0.88
C ALA A 52 -0.41 15.35 -2.05
N ASP A 53 -0.49 14.82 -3.27
CA ASP A 53 -0.56 15.58 -4.55
C ASP A 53 0.67 16.46 -4.87
N GLN A 54 1.81 16.09 -4.29
CA GLN A 54 3.10 16.69 -4.60
C GLN A 54 4.12 15.58 -4.68
N VAL A 55 5.27 15.88 -5.27
CA VAL A 55 6.37 14.93 -5.36
C VAL A 55 7.26 15.12 -4.13
N TRP A 56 7.66 14.01 -3.50
CA TRP A 56 8.66 14.05 -2.41
C TRP A 56 9.82 13.10 -2.71
N THR A 57 11.01 13.46 -2.19
CA THR A 57 12.13 12.50 -2.06
C THR A 57 12.33 12.28 -0.55
N LEU A 58 12.43 11.02 -0.16
CA LEU A 58 12.61 10.63 1.23
C LEU A 58 13.87 9.82 1.38
N THR A 59 14.61 10.08 2.46
CA THR A 59 15.73 9.23 2.85
C THR A 59 15.85 9.32 4.38
N GLN A 60 16.56 8.37 4.97
CA GLN A 60 16.68 8.32 6.43
C GLN A 60 18.09 8.03 6.88
N THR A 61 18.39 8.54 8.08
CA THR A 61 19.54 8.18 8.89
C THR A 61 19.02 7.30 10.03
N GLU A 62 19.82 7.04 11.05
CA GLU A 62 19.40 6.17 12.15
C GLU A 62 18.22 6.72 12.97
N GLU A 63 18.23 8.02 13.27
CA GLU A 63 17.22 8.65 14.12
C GLU A 63 16.23 9.60 13.41
N GLN A 64 16.55 10.00 12.17
CA GLN A 64 15.72 10.96 11.44
C GLN A 64 15.18 10.39 10.11
N LEU A 65 13.97 10.81 9.76
CA LEU A 65 13.43 10.64 8.41
C LEU A 65 13.51 12.01 7.75
N HIS A 66 14.37 12.11 6.73
CA HIS A 66 14.62 13.37 6.02
C HIS A 66 13.72 13.47 4.79
N CYS A 67 13.10 14.64 4.62
CA CYS A 67 12.08 14.87 3.61
C CYS A 67 12.33 16.14 2.80
N THR A 68 12.13 16.06 1.48
CA THR A 68 12.13 17.27 0.63
C THR A 68 10.93 17.24 -0.31
N VAL A 69 10.41 18.43 -0.65
CA VAL A 69 9.22 18.58 -1.51
C VAL A 69 9.59 19.37 -2.76
N TYR A 70 9.02 18.97 -3.89
CA TYR A 70 9.17 19.74 -5.13
C TYR A 70 7.81 20.37 -5.40
N ARG A 71 7.75 21.69 -5.36
CA ARG A 71 6.50 22.44 -5.55
C ARG A 71 6.55 23.16 -6.90
N SER A 75 6.91 28.03 -6.28
CA SER A 75 7.89 28.03 -7.38
C SER A 75 9.34 28.19 -6.89
N GLN A 76 9.56 29.04 -5.89
CA GLN A 76 10.87 29.14 -5.24
C GLN A 76 11.04 27.96 -4.28
N ALA A 77 12.14 27.23 -4.43
CA ALA A 77 12.39 26.00 -3.67
C ALA A 77 12.67 26.31 -2.19
N SER A 78 11.98 25.61 -1.30
CA SER A 78 12.22 25.73 0.14
C SER A 78 11.94 24.43 0.86
N ARG A 79 12.34 24.37 2.12
CA ARG A 79 12.11 23.20 2.99
C ARG A 79 10.63 22.90 3.05
N PRO A 80 10.25 21.64 3.40
CA PRO A 80 8.85 21.37 3.67
C PRO A 80 8.37 22.16 4.90
N THR A 81 7.19 22.77 4.82
CA THR A 81 6.57 23.46 5.94
C THR A 81 6.09 22.43 6.98
N PRO A 82 5.78 22.87 8.22
CA PRO A 82 5.24 21.97 9.26
C PRO A 82 4.02 21.14 8.84
N ASP A 83 3.04 21.78 8.23
CA ASP A 83 1.81 21.11 7.76
C ASP A 83 2.08 20.02 6.70
N GLU A 84 3.08 20.27 5.84
CA GLU A 84 3.48 19.30 4.81
C GLU A 84 4.13 18.05 5.39
N LEU A 85 4.98 18.22 6.40
CA LEU A 85 5.59 17.08 7.11
C LEU A 85 4.56 16.19 7.82
N GLU A 86 3.48 16.77 8.30
CA GLU A 86 2.42 15.98 8.93
C GLU A 86 1.76 15.04 7.95
N ALA A 87 1.67 15.45 6.69
CA ALA A 87 1.15 14.59 5.63
C ALA A 87 2.00 13.32 5.43
N VAL A 88 3.32 13.47 5.63
CA VAL A 88 4.26 12.34 5.58
C VAL A 88 4.06 11.43 6.82
N ARG A 89 4.03 12.05 8.00
CA ARG A 89 3.66 11.34 9.24
C ARG A 89 2.31 10.62 9.12
N LYS A 90 1.32 11.29 8.53
CA LYS A 90 0.01 10.70 8.29
C LYS A 90 0.13 9.53 7.33
N TYR A 91 0.91 9.70 6.26
CA TYR A 91 1.06 8.64 5.25
C TYR A 91 1.73 7.39 5.82
N PHE A 92 2.78 7.58 6.61
CA PHE A 92 3.44 6.49 7.32
C PHE A 92 2.76 6.09 8.66
N GLN A 93 1.73 6.83 9.09
CA GLN A 93 1.00 6.50 10.34
C GLN A 93 1.93 6.39 11.54
N LEU A 94 2.79 7.39 11.70
CA LEU A 94 3.88 7.37 12.65
C LEU A 94 3.46 7.41 14.12
N ASP A 95 2.22 7.82 14.41
CA ASP A 95 1.65 7.68 15.77
C ASP A 95 1.46 6.21 16.19
N VAL A 96 1.40 5.30 15.23
CA VAL A 96 1.36 3.88 15.51
C VAL A 96 2.80 3.45 15.74
N THR A 97 3.12 3.17 17.01
CA THR A 97 4.46 2.79 17.44
C THR A 97 4.65 1.31 17.24
N LEU A 98 5.63 0.95 16.42
CA LEU A 98 5.99 -0.45 16.16
C LEU A 98 6.63 -1.13 17.36
N ALA A 99 7.47 -0.42 18.10
CA ALA A 99 8.03 -0.92 19.34
C ALA A 99 6.96 -1.57 20.22
N GLN A 100 5.84 -0.86 20.37
CA GLN A 100 4.69 -1.35 21.12
C GLN A 100 4.01 -2.56 20.46
N LEU A 101 3.75 -2.47 19.16
CA LEU A 101 3.17 -3.61 18.42
C LEU A 101 4.04 -4.86 18.39
N TYR A 102 5.32 -4.70 18.09
CA TYR A 102 6.27 -5.85 18.07
C TYR A 102 6.35 -6.54 19.43
N HIS A 103 6.34 -5.74 20.50
CA HIS A 103 6.30 -6.27 21.86
C HIS A 103 5.07 -7.13 22.10
N HIS A 104 3.91 -6.64 21.67
CA HIS A 104 2.64 -7.38 21.87
C HIS A 104 2.61 -8.67 21.08
N TRP A 105 2.92 -8.57 19.78
CA TRP A 105 2.96 -9.73 18.91
C TRP A 105 3.93 -10.78 19.44
N GLY A 106 5.13 -10.34 19.84
CA GLY A 106 6.15 -11.21 20.45
C GLY A 106 5.73 -11.91 21.74
N SER A 107 5.03 -11.20 22.60
CA SER A 107 4.51 -11.73 23.88
C SER A 107 3.51 -12.86 23.70
N VAL A 108 2.78 -12.85 22.59
CA VAL A 108 1.74 -13.86 22.33
C VAL A 108 2.12 -14.87 21.26
N ASP A 109 3.32 -14.72 20.69
CA ASP A 109 3.75 -15.53 19.55
C ASP A 109 5.26 -15.57 19.51
N SER A 110 5.83 -16.66 20.03
CA SER A 110 7.29 -16.81 20.10
C SER A 110 7.95 -16.96 18.73
N HIS A 111 7.21 -17.47 17.74
CA HIS A 111 7.73 -17.50 16.37
C HIS A 111 7.93 -16.07 15.86
N PHE A 112 6.95 -15.21 16.12
CA PHE A 112 7.06 -13.81 15.73
C PHE A 112 8.24 -13.14 16.41
N GLN A 113 8.35 -13.31 17.73
CA GLN A 113 9.51 -12.85 18.50
C GLN A 113 10.84 -13.24 17.82
N GLN A 114 10.93 -14.49 17.39
CA GLN A 114 12.14 -15.03 16.77
C GLN A 114 12.49 -14.41 15.41
N VAL A 115 11.47 -14.13 14.60
CA VAL A 115 11.65 -13.63 13.24
C VAL A 115 11.71 -12.09 13.15
N ALA A 116 10.97 -11.41 14.02
CA ALA A 116 10.77 -9.96 13.91
C ALA A 116 11.99 -9.09 14.21
N GLN A 117 12.90 -9.57 15.05
CA GLN A 117 14.07 -8.78 15.46
C GLN A 117 14.96 -8.39 14.27
N LYS A 118 15.09 -9.29 13.31
CA LYS A 118 15.84 -9.04 12.09
C LYS A 118 15.12 -8.05 11.14
N PHE A 119 13.80 -7.97 11.24
CA PHE A 119 12.97 -7.19 10.31
C PHE A 119 12.09 -6.17 11.04
N GLN A 120 12.75 -5.19 11.63
CA GLN A 120 12.10 -4.07 12.28
C GLN A 120 11.71 -3.00 11.29
N GLY A 121 10.86 -2.08 11.72
CA GLY A 121 10.43 -0.95 10.89
C GLY A 121 9.45 -1.25 9.76
N VAL A 122 8.83 -2.41 9.78
CA VAL A 122 7.81 -2.77 8.79
C VAL A 122 6.47 -2.23 9.31
N ARG A 123 5.87 -1.31 8.57
CA ARG A 123 4.56 -0.74 8.91
C ARG A 123 3.73 -0.58 7.63
N LEU A 124 2.45 -0.32 7.81
CA LEU A 124 1.56 -0.12 6.67
C LEU A 124 1.43 1.34 6.34
N LEU A 125 1.50 1.64 5.03
CA LEU A 125 1.26 2.98 4.53
C LEU A 125 -0.25 3.22 4.58
N ARG A 126 -0.66 4.47 4.84
CA ARG A 126 -2.08 4.85 4.76
C ARG A 126 -2.40 5.41 3.37
N GLN A 127 -2.71 4.49 2.45
CA GLN A 127 -2.84 4.80 1.03
C GLN A 127 -4.21 5.41 0.68
N ASP A 128 -4.30 6.05 -0.49
CA ASP A 128 -5.59 6.53 -1.00
C ASP A 128 -6.39 5.34 -1.49
N PRO A 129 -7.71 5.31 -1.20
CA PRO A 129 -8.53 4.17 -1.62
C PRO A 129 -8.69 3.98 -3.13
N ILE A 130 -8.72 5.07 -3.89
CA ILE A 130 -8.81 4.98 -5.36
C ILE A 130 -7.55 4.29 -5.87
N GLU A 131 -6.41 4.90 -5.60
CA GLU A 131 -5.12 4.36 -6.02
C GLU A 131 -4.96 2.91 -5.62
N CYS A 132 -5.32 2.60 -4.39
CA CYS A 132 -5.14 1.27 -3.86
C CYS A 132 -6.06 0.29 -4.58
N LEU A 133 -7.34 0.61 -4.63
CA LEU A 133 -8.32 -0.19 -5.37
C LEU A 133 -7.85 -0.56 -6.79
N PHE A 134 -7.47 0.44 -7.59
CA PHE A 134 -7.17 0.18 -9.02
C PHE A 134 -5.79 -0.46 -9.21
N SER A 135 -4.86 -0.18 -8.30
CA SER A 135 -3.60 -0.93 -8.25
C SER A 135 -3.85 -2.41 -8.01
N PHE A 136 -4.67 -2.74 -7.01
CA PHE A 136 -4.91 -4.14 -6.65
C PHE A 136 -5.84 -4.88 -7.61
N ILE A 137 -6.67 -4.14 -8.35
CA ILE A 137 -7.38 -4.68 -9.52
C ILE A 137 -6.38 -5.13 -10.61
N CYS A 138 -5.32 -4.34 -10.83
CA CYS A 138 -4.23 -4.70 -11.77
C CYS A 138 -3.33 -5.88 -11.32
N SER A 139 -3.41 -6.26 -10.04
CA SER A 139 -2.61 -7.36 -9.51
C SER A 139 -3.21 -8.77 -9.67
N SER A 140 -4.44 -8.88 -10.15
CA SER A 140 -5.09 -10.18 -10.36
C SER A 140 -4.43 -10.92 -11.54
N ASN A 141 -4.02 -12.17 -11.28
CA ASN A 141 -3.25 -13.01 -12.22
C ASN A 141 -1.93 -12.38 -12.69
N ASN A 142 -1.20 -11.77 -11.75
CA ASN A 142 -0.04 -10.92 -12.07
C ASN A 142 1.05 -10.94 -10.99
N ASN A 143 2.25 -10.48 -11.37
CA ASN A 143 3.41 -10.34 -10.45
C ASN A 143 3.83 -8.89 -10.23
N ILE A 144 4.62 -8.65 -9.17
CA ILE A 144 4.97 -7.30 -8.71
C ILE A 144 5.69 -6.44 -9.78
N ALA A 145 6.46 -7.08 -10.65
CA ALA A 145 7.23 -6.38 -11.68
C ALA A 145 6.31 -5.77 -12.73
N ARG A 146 5.49 -6.62 -13.34
CA ARG A 146 4.52 -6.19 -14.35
C ARG A 146 3.48 -5.20 -13.77
N ILE A 147 3.03 -5.43 -12.54
CA ILE A 147 2.03 -4.55 -11.90
C ILE A 147 2.55 -3.12 -11.80
N THR A 148 3.79 -2.98 -11.35
CA THR A 148 4.43 -1.69 -11.24
C THR A 148 4.37 -0.94 -12.59
N GLY A 149 4.67 -1.68 -13.67
CA GLY A 149 4.67 -1.13 -15.01
C GLY A 149 3.30 -0.68 -15.47
N MET A 150 2.28 -1.51 -15.21
CA MET A 150 0.90 -1.23 -15.60
C MET A 150 0.34 0.01 -14.92
N VAL A 151 0.61 0.10 -13.62
CA VAL A 151 0.18 1.25 -12.82
C VAL A 151 0.84 2.53 -13.31
N GLU A 152 2.13 2.46 -13.62
CA GLU A 152 2.89 3.60 -14.13
C GLU A 152 2.33 4.11 -15.46
N ARG A 153 2.08 3.18 -16.38
CA ARG A 153 1.49 3.53 -17.68
C ARG A 153 0.06 4.05 -17.52
N LEU A 154 -0.71 3.40 -16.67
CA LEU A 154 -2.06 3.86 -16.33
C LEU A 154 -2.05 5.32 -15.85
N CYS A 155 -1.13 5.64 -14.95
CA CYS A 155 -1.03 6.99 -14.38
C CYS A 155 -0.50 8.02 -15.38
N GLN A 156 0.47 7.59 -16.17
CA GLN A 156 0.99 8.40 -17.26
C GLN A 156 -0.08 8.76 -18.30
N ALA A 157 -0.91 7.78 -18.67
CA ALA A 157 -1.97 8.00 -19.66
C ALA A 157 -3.13 8.85 -19.17
N PHE A 158 -3.53 8.66 -17.90
CA PHE A 158 -4.81 9.21 -17.38
C PHE A 158 -4.71 10.14 -16.17
N GLY A 159 -3.51 10.29 -15.59
CA GLY A 159 -3.32 11.09 -14.38
C GLY A 159 -2.74 12.47 -14.66
N PRO A 160 -3.07 13.47 -13.83
CA PRO A 160 -2.54 14.82 -14.09
C PRO A 160 -1.03 14.92 -13.95
N ARG A 161 -0.41 15.63 -14.90
CA ARG A 161 1.00 15.93 -14.85
C ARG A 161 1.32 16.86 -13.67
N LEU A 162 2.26 16.43 -12.80
CA LEU A 162 2.65 17.24 -11.66
C LEU A 162 3.91 18.04 -11.96
N ILE A 163 5.04 17.36 -12.10
CA ILE A 163 6.32 17.99 -12.40
C ILE A 163 7.26 16.97 -13.00
N GLN A 164 8.32 17.47 -13.63
CA GLN A 164 9.36 16.62 -14.18
C GLN A 164 10.66 16.81 -13.42
N LEU A 165 11.29 15.70 -13.07
CA LEU A 165 12.59 15.67 -12.45
C LEU A 165 13.39 14.70 -13.25
N ASP A 166 14.56 15.14 -13.69
CA ASP A 166 15.37 14.36 -14.62
C ASP A 166 14.50 13.97 -15.85
N ASP A 167 14.41 12.69 -16.19
CA ASP A 167 13.60 12.24 -17.35
C ASP A 167 12.28 11.61 -16.90
N VAL A 168 11.94 11.78 -15.63
CA VAL A 168 10.73 11.23 -15.06
C VAL A 168 9.73 12.35 -14.93
N THR A 169 8.58 12.18 -15.57
CA THR A 169 7.46 13.10 -15.41
C THR A 169 6.51 12.43 -14.43
N TYR A 170 6.39 13.03 -13.24
CA TYR A 170 5.49 12.52 -12.20
C TYR A 170 4.04 12.84 -12.54
N HIS A 171 3.18 11.84 -12.41
CA HIS A 171 1.72 11.98 -12.54
C HIS A 171 1.03 11.56 -11.24
N GLY A 172 -0.05 12.26 -10.88
CA GLY A 172 -0.91 11.87 -9.77
C GLY A 172 -1.77 10.70 -10.21
N PHE A 173 -2.37 9.98 -9.27
CA PHE A 173 -3.21 8.85 -9.63
C PHE A 173 -4.47 9.37 -10.34
N PRO A 174 -4.96 8.65 -11.37
CA PRO A 174 -6.15 9.18 -12.06
C PRO A 174 -7.38 9.27 -11.18
N SER A 175 -8.27 10.22 -11.48
CA SER A 175 -9.58 10.29 -10.81
C SER A 175 -10.51 9.19 -11.32
N LEU A 176 -11.63 9.03 -10.62
CA LEU A 176 -12.70 8.13 -11.08
C LEU A 176 -13.24 8.57 -12.44
N GLN A 177 -13.41 9.87 -12.63
CA GLN A 177 -13.96 10.41 -13.88
C GLN A 177 -13.08 10.00 -15.07
N ALA A 178 -11.77 10.15 -14.91
CA ALA A 178 -10.85 9.76 -15.98
C ALA A 178 -10.89 8.27 -16.28
N LEU A 179 -10.97 7.44 -15.23
CA LEU A 179 -10.99 5.98 -15.41
C LEU A 179 -12.33 5.47 -15.86
N ALA A 180 -13.37 6.28 -15.63
CA ALA A 180 -14.72 5.96 -16.08
C ALA A 180 -15.03 6.44 -17.52
N GLY A 181 -14.08 7.09 -18.19
CA GLY A 181 -14.34 7.82 -19.42
C GLY A 181 -14.45 6.92 -20.64
N PRO A 182 -14.80 7.50 -21.80
CA PRO A 182 -15.01 6.69 -23.01
C PRO A 182 -13.71 6.13 -23.52
N GLU A 183 -13.74 4.86 -23.92
CA GLU A 183 -12.63 4.16 -24.59
C GLU A 183 -11.39 3.90 -23.72
N VAL A 184 -11.58 3.96 -22.40
CA VAL A 184 -10.50 3.74 -21.45
C VAL A 184 -10.03 2.29 -21.47
N GLU A 185 -10.96 1.34 -21.65
CA GLU A 185 -10.61 -0.09 -21.69
C GLU A 185 -9.65 -0.35 -22.85
N ALA A 186 -10.08 0.03 -24.04
CA ALA A 186 -9.25 -0.09 -25.23
C ALA A 186 -7.87 0.58 -25.08
N HIS A 187 -7.85 1.76 -24.48
CA HIS A 187 -6.59 2.49 -24.28
C HIS A 187 -5.72 1.69 -23.29
N LEU A 188 -6.34 1.27 -22.20
CA LEU A 188 -5.66 0.44 -21.20
C LEU A 188 -5.17 -0.90 -21.73
N ARG A 189 -5.92 -1.50 -22.66
CA ARG A 189 -5.46 -2.70 -23.36
C ARG A 189 -4.20 -2.42 -24.19
N LYS A 190 -4.16 -1.28 -24.88
CA LYS A 190 -2.96 -0.86 -25.62
C LYS A 190 -1.72 -0.72 -24.72
N LEU A 191 -1.95 -0.34 -23.45
CA LEU A 191 -0.90 -0.28 -22.42
C LEU A 191 -0.61 -1.62 -21.71
N GLY A 192 -1.12 -2.72 -22.25
CA GLY A 192 -0.79 -4.06 -21.78
C GLY A 192 -1.51 -4.60 -20.57
N LEU A 193 -2.52 -3.89 -20.08
CA LEU A 193 -3.28 -4.35 -18.90
C LEU A 193 -4.18 -5.57 -19.16
N GLY A 194 -4.47 -5.87 -20.43
CA GLY A 194 -5.27 -7.01 -20.79
C GLY A 194 -6.69 -6.94 -20.26
N TYR A 195 -7.19 -8.09 -19.80
CA TYR A 195 -8.57 -8.22 -19.29
C TYR A 195 -8.88 -7.33 -18.10
N ARG A 196 -7.84 -6.93 -17.36
CA ARG A 196 -7.97 -6.01 -16.23
C ARG A 196 -8.40 -4.60 -16.63
N ALA A 197 -8.17 -4.24 -17.90
CA ALA A 197 -8.68 -2.99 -18.47
C ALA A 197 -10.20 -2.83 -18.30
N ARG A 198 -10.94 -3.90 -18.57
CA ARG A 198 -12.39 -3.92 -18.38
C ARG A 198 -12.79 -3.67 -16.94
N CYS A 199 -12.08 -4.31 -16.02
N CYS A 199 -12.12 -4.33 -16.02
CA CYS A 199 -12.35 -4.19 -14.59
CA CYS A 199 -12.42 -4.19 -14.58
C CYS A 199 -12.16 -2.78 -14.06
C CYS A 199 -12.20 -2.78 -14.06
N VAL A 200 -11.11 -2.12 -14.52
CA VAL A 200 -10.83 -0.74 -14.13
C VAL A 200 -11.96 0.17 -14.57
N SER A 201 -12.29 0.07 -15.86
CA SER A 201 -13.37 0.84 -16.45
C SER A 201 -14.70 0.59 -15.75
N ALA A 202 -15.01 -0.69 -15.59
CA ALA A 202 -16.27 -1.10 -14.99
C ALA A 202 -16.39 -0.64 -13.52
N SER A 203 -15.30 -0.81 -12.76
CA SER A 203 -15.30 -0.39 -11.34
C SER A 203 -15.28 1.11 -11.20
N ALA A 204 -14.57 1.81 -12.09
CA ALA A 204 -14.64 3.28 -12.06
C ALA A 204 -16.08 3.74 -12.33
N ARG A 205 -16.74 3.10 -13.31
CA ARG A 205 -18.15 3.39 -13.65
C ARG A 205 -19.16 3.00 -12.57
N ALA A 206 -18.98 1.81 -12.01
CA ALA A 206 -19.85 1.30 -10.92
C ALA A 206 -19.78 2.19 -9.68
N ILE A 207 -18.58 2.56 -9.25
CA ILE A 207 -18.45 3.49 -8.10
C ILE A 207 -19.15 4.83 -8.36
N LEU A 208 -18.86 5.41 -9.51
CA LEU A 208 -19.28 6.77 -9.83
C LEU A 208 -20.77 6.87 -10.17
N GLU A 209 -21.26 5.90 -10.94
CA GLU A 209 -22.65 5.92 -11.45
C GLU A 209 -23.67 5.06 -10.70
N GLU A 210 -23.21 4.04 -9.96
CA GLU A 210 -24.13 3.18 -9.17
C GLU A 210 -24.05 3.36 -7.65
N GLN A 211 -22.90 3.77 -7.12
CA GLN A 211 -22.63 3.68 -5.68
C GLN A 211 -22.53 4.97 -4.88
N GLY A 212 -22.59 6.13 -5.53
CA GLY A 212 -22.45 7.41 -4.83
C GLY A 212 -21.10 8.08 -4.95
N GLY A 213 -20.22 7.50 -5.76
CA GLY A 213 -18.97 8.14 -6.12
C GLY A 213 -17.89 8.03 -5.07
N LEU A 214 -16.99 8.99 -5.10
CA LEU A 214 -15.85 9.04 -4.20
C LEU A 214 -16.25 8.95 -2.74
N ALA A 215 -17.28 9.71 -2.36
CA ALA A 215 -17.81 9.76 -0.99
C ALA A 215 -18.19 8.40 -0.41
N TRP A 216 -18.73 7.53 -1.23
CA TRP A 216 -19.09 6.18 -0.78
C TRP A 216 -17.87 5.38 -0.38
N LEU A 217 -16.79 5.55 -1.13
CA LEU A 217 -15.57 4.81 -0.92
C LEU A 217 -14.85 5.33 0.31
N GLN A 218 -14.70 6.65 0.36
CA GLN A 218 -14.05 7.33 1.48
C GLN A 218 -14.74 7.06 2.82
N GLN A 219 -16.06 7.06 2.83
CA GLN A 219 -16.83 6.77 4.05
C GLN A 219 -16.78 5.31 4.53
N LEU A 220 -16.26 4.38 3.71
CA LEU A 220 -15.93 3.02 4.19
C LEU A 220 -14.76 3.03 5.18
N ARG A 221 -13.94 4.08 5.20
CA ARG A 221 -13.02 4.29 6.34
C ARG A 221 -13.74 4.28 7.69
N GLU A 222 -14.84 5.01 7.78
CA GLU A 222 -15.64 5.12 9.00
C GLU A 222 -16.46 3.86 9.33
N SER A 223 -16.89 3.15 8.29
CA SER A 223 -17.67 1.92 8.45
C SER A 223 -16.80 0.80 9.03
N SER A 224 -17.45 -0.20 9.61
CA SER A 224 -16.76 -1.34 10.16
C SER A 224 -16.06 -2.12 9.05
N TYR A 225 -15.02 -2.86 9.45
CA TYR A 225 -14.30 -3.76 8.56
C TYR A 225 -15.22 -4.70 7.78
N GLU A 226 -16.20 -5.28 8.47
CA GLU A 226 -17.05 -6.29 7.83
C GLU A 226 -17.91 -5.66 6.76
N GLU A 227 -18.46 -4.49 7.07
CA GLU A 227 -19.21 -3.67 6.13
C GLU A 227 -18.39 -3.23 4.91
N ALA A 228 -17.24 -2.61 5.16
CA ALA A 228 -16.35 -2.15 4.09
C ALA A 228 -15.93 -3.28 3.14
N HIS A 229 -15.61 -4.44 3.71
CA HIS A 229 -15.26 -5.61 2.91
C HIS A 229 -16.40 -6.10 2.03
N LYS A 230 -17.59 -6.18 2.59
CA LYS A 230 -18.78 -6.58 1.84
C LYS A 230 -19.04 -5.61 0.69
N ALA A 231 -19.00 -4.31 1.00
CA ALA A 231 -19.20 -3.24 0.02
C ALA A 231 -18.20 -3.27 -1.14
N LEU A 232 -16.92 -3.56 -0.85
CA LEU A 232 -15.89 -3.61 -1.89
C LEU A 232 -16.05 -4.80 -2.84
N CYS A 233 -16.62 -5.89 -2.36
CA CYS A 233 -16.76 -7.10 -3.17
C CYS A 233 -17.75 -7.01 -4.34
N ILE A 234 -18.67 -6.04 -4.28
CA ILE A 234 -19.61 -5.83 -5.39
C ILE A 234 -18.93 -5.25 -6.63
N LEU A 235 -17.76 -4.62 -6.45
CA LEU A 235 -17.03 -4.02 -7.56
C LEU A 235 -16.34 -5.07 -8.43
N PRO A 236 -16.40 -4.92 -9.77
CA PRO A 236 -15.74 -5.87 -10.67
C PRO A 236 -14.22 -5.86 -10.53
N GLY A 237 -13.64 -7.06 -10.51
CA GLY A 237 -12.22 -7.26 -10.21
C GLY A 237 -11.86 -7.26 -8.73
N VAL A 238 -12.84 -7.13 -7.85
CA VAL A 238 -12.59 -7.07 -6.41
C VAL A 238 -13.26 -8.26 -5.75
N GLY A 239 -12.48 -9.31 -5.54
CA GLY A 239 -12.87 -10.41 -4.68
C GLY A 239 -12.35 -10.23 -3.26
N THR A 240 -12.44 -11.30 -2.49
CA THR A 240 -12.14 -11.32 -1.05
C THR A 240 -10.71 -10.90 -0.68
N LYS A 241 -9.72 -11.47 -1.36
CA LYS A 241 -8.32 -11.11 -1.13
C LYS A 241 -8.13 -9.61 -1.40
N VAL A 242 -8.49 -9.19 -2.62
CA VAL A 242 -8.33 -7.79 -3.04
C VAL A 242 -9.00 -6.84 -2.04
N ALA A 243 -10.24 -7.14 -1.65
CA ALA A 243 -10.98 -6.34 -0.67
C ALA A 243 -10.25 -6.24 0.68
N ASP A 244 -9.64 -7.34 1.12
CA ASP A 244 -8.86 -7.33 2.37
C ASP A 244 -7.64 -6.42 2.26
N TRP A 245 -6.94 -6.49 1.13
CA TRP A 245 -5.80 -5.58 0.89
C TRP A 245 -6.21 -4.11 0.94
N ILE A 246 -7.34 -3.81 0.31
CA ILE A 246 -7.84 -2.45 0.26
C ILE A 246 -8.25 -2.02 1.65
N CYS A 247 -8.97 -2.88 2.35
CA CYS A 247 -9.35 -2.63 3.75
C CYS A 247 -8.14 -2.30 4.62
N LEU A 248 -7.13 -3.16 4.56
CA LEU A 248 -5.88 -3.01 5.32
C LEU A 248 -5.04 -1.81 4.93
N MET A 249 -4.93 -1.52 3.63
CA MET A 249 -3.98 -0.50 3.14
C MET A 249 -4.56 0.90 2.98
N ALA A 250 -5.87 0.96 2.79
CA ALA A 250 -6.54 2.21 2.43
C ALA A 250 -7.76 2.61 3.25
N LEU A 251 -8.37 1.69 3.99
CA LEU A 251 -9.62 1.98 4.73
C LEU A 251 -9.51 1.81 6.26
N ASP A 252 -8.31 1.92 6.80
CA ASP A 252 -8.07 1.91 8.26
C ASP A 252 -8.62 0.67 8.95
N LYS A 253 -8.40 -0.50 8.35
CA LYS A 253 -8.76 -1.79 8.93
C LYS A 253 -7.49 -2.59 9.24
N PRO A 254 -6.83 -2.31 10.39
CA PRO A 254 -5.58 -3.01 10.70
C PRO A 254 -5.75 -4.51 11.02
N GLN A 255 -6.98 -4.92 11.35
CA GLN A 255 -7.28 -6.34 11.65
C GLN A 255 -7.44 -7.21 10.43
N ALA A 256 -7.61 -6.61 9.25
CA ALA A 256 -7.76 -7.40 8.03
C ALA A 256 -6.50 -8.22 7.76
N VAL A 257 -6.71 -9.47 7.36
CA VAL A 257 -5.64 -10.43 7.15
C VAL A 257 -5.94 -11.07 5.78
N PRO A 258 -5.41 -10.47 4.71
CA PRO A 258 -5.58 -11.00 3.36
C PRO A 258 -4.97 -12.39 3.26
N VAL A 259 -5.81 -13.39 2.98
CA VAL A 259 -5.39 -14.77 2.89
C VAL A 259 -5.08 -15.14 1.44
N ASP A 260 -3.86 -15.66 1.23
CA ASP A 260 -3.39 -16.17 -0.06
C ASP A 260 -2.58 -17.43 0.19
N VAL A 261 -2.13 -18.08 -0.87
CA VAL A 261 -1.30 -19.29 -0.73
C VAL A 261 -0.03 -19.03 0.10
N HIS A 262 0.55 -17.84 -0.03
CA HIS A 262 1.70 -17.42 0.74
C HIS A 262 1.42 -17.47 2.24
N MET A 263 0.22 -17.05 2.62
CA MET A 263 -0.20 -17.13 4.01
C MET A 263 -0.44 -18.57 4.47
N TRP A 264 -0.91 -19.42 3.56
CA TRP A 264 -1.01 -20.86 3.84
C TRP A 264 0.35 -21.45 4.18
N HIS A 265 1.36 -21.12 3.37
CA HIS A 265 2.71 -21.66 3.59
C HIS A 265 3.24 -21.25 4.95
N ILE A 266 3.04 -19.99 5.32
CA ILE A 266 3.41 -19.52 6.65
C ILE A 266 2.65 -20.29 7.73
N ALA A 267 1.33 -20.39 7.59
CA ALA A 267 0.49 -20.98 8.64
C ALA A 267 0.88 -22.42 8.92
N GLN A 268 1.14 -23.14 7.83
CA GLN A 268 1.44 -24.56 7.88
C GLN A 268 2.84 -24.83 8.38
N ARG A 269 3.83 -24.16 7.79
CA ARG A 269 5.22 -24.39 8.17
C ARG A 269 5.59 -23.80 9.54
N ASP A 270 4.98 -22.67 9.92
CA ASP A 270 5.37 -21.93 11.14
C ASP A 270 4.40 -22.02 12.31
N TYR A 271 3.18 -22.51 12.08
CA TYR A 271 2.20 -22.70 13.14
C TYR A 271 1.48 -24.07 13.10
N SER A 272 1.93 -25.00 12.25
CA SER A 272 1.29 -26.31 12.05
C SER A 272 -0.23 -26.22 11.90
N TRP A 273 -0.70 -25.16 11.25
CA TRP A 273 -2.13 -24.87 11.18
C TRP A 273 -2.82 -25.78 10.18
N HIS A 274 -4.02 -26.20 10.55
CA HIS A 274 -4.89 -27.03 9.71
C HIS A 274 -6.31 -26.50 9.94
N PRO A 275 -7.17 -26.56 8.91
CA PRO A 275 -8.55 -26.12 9.14
C PRO A 275 -9.27 -27.19 9.95
N THR A 276 -9.97 -26.78 11.01
CA THR A 276 -10.71 -27.69 11.89
C THR A 276 -12.20 -27.71 11.59
N THR A 277 -12.83 -26.54 11.60
CA THR A 277 -14.28 -26.42 11.39
C THR A 277 -14.68 -26.70 9.94
N SER A 278 -13.90 -26.17 9.00
CA SER A 278 -14.14 -26.36 7.57
C SER A 278 -13.88 -27.79 7.12
N GLN A 279 -14.60 -28.21 6.08
CA GLN A 279 -14.55 -29.58 5.57
C GLN A 279 -13.31 -29.85 4.70
N ALA A 280 -13.05 -28.96 3.75
CA ALA A 280 -11.93 -29.09 2.81
C ALA A 280 -10.57 -28.90 3.50
N LYS A 281 -9.57 -29.63 3.02
CA LYS A 281 -8.20 -29.53 3.57
C LYS A 281 -7.46 -28.29 3.03
N GLY A 282 -7.53 -28.06 1.71
CA GLY A 282 -6.78 -26.99 1.04
C GLY A 282 -7.45 -25.63 1.02
N PRO A 283 -6.86 -24.65 0.30
CA PRO A 283 -7.48 -23.31 0.16
C PRO A 283 -8.88 -23.32 -0.46
N SER A 284 -9.76 -22.54 0.14
CA SER A 284 -11.14 -22.39 -0.31
C SER A 284 -11.72 -21.18 0.43
N PRO A 285 -12.85 -20.64 -0.04
CA PRO A 285 -13.44 -19.50 0.67
C PRO A 285 -13.75 -19.77 2.15
N GLN A 286 -14.18 -20.99 2.48
CA GLN A 286 -14.46 -21.40 3.87
C GLN A 286 -13.17 -21.47 4.69
N THR A 287 -12.16 -22.15 4.15
CA THR A 287 -10.88 -22.34 4.83
C THR A 287 -10.01 -21.07 4.89
N ASN A 288 -10.08 -20.23 3.86
CA ASN A 288 -9.38 -18.94 3.90
C ASN A 288 -9.98 -18.00 4.95
N LYS A 289 -11.30 -18.02 5.10
CA LYS A 289 -11.96 -17.23 6.15
C LYS A 289 -11.55 -17.71 7.54
N GLU A 290 -11.39 -19.03 7.69
CA GLU A 290 -10.99 -19.62 8.97
C GLU A 290 -9.54 -19.27 9.33
N LEU A 291 -8.67 -19.25 8.32
CA LEU A 291 -7.27 -18.91 8.52
C LEU A 291 -7.07 -17.47 8.96
N GLY A 292 -7.75 -16.56 8.28
CA GLY A 292 -7.72 -15.16 8.66
C GLY A 292 -8.18 -14.93 10.08
N ASN A 293 -9.19 -15.67 10.50
CA ASN A 293 -9.70 -15.58 11.87
C ASN A 293 -8.67 -16.08 12.87
N PHE A 294 -7.98 -17.17 12.55
CA PHE A 294 -6.92 -17.73 13.40
C PHE A 294 -5.87 -16.68 13.79
N PHE A 295 -5.35 -15.99 12.78
CA PHE A 295 -4.35 -14.95 13.00
C PHE A 295 -4.89 -13.67 13.66
N ARG A 296 -6.18 -13.39 13.46
CA ARG A 296 -6.84 -12.27 14.14
C ARG A 296 -6.91 -12.55 15.65
N SER A 297 -7.28 -13.78 16.02
CA SER A 297 -7.36 -14.18 17.42
C SER A 297 -5.98 -14.26 18.05
N LEU A 298 -5.02 -14.76 17.29
CA LEU A 298 -3.64 -14.83 17.74
C LEU A 298 -3.00 -13.47 17.93
N TRP A 299 -3.04 -12.65 16.88
CA TRP A 299 -2.31 -11.39 16.87
C TRP A 299 -3.05 -10.18 17.41
N GLY A 300 -4.38 -10.19 17.39
CA GLY A 300 -5.16 -9.02 17.85
C GLY A 300 -5.55 -8.04 16.75
N PRO A 301 -6.18 -6.89 17.11
CA PRO A 301 -6.71 -5.86 16.20
C PRO A 301 -5.82 -5.33 15.07
N TYR A 302 -4.51 -5.53 15.20
CA TYR A 302 -3.51 -5.15 14.20
C TYR A 302 -2.87 -6.38 13.56
N ALA A 303 -3.67 -7.41 13.32
CA ALA A 303 -3.14 -8.66 12.77
C ALA A 303 -2.54 -8.49 11.36
N GLY A 304 -3.11 -7.59 10.56
CA GLY A 304 -2.62 -7.34 9.20
C GLY A 304 -1.26 -6.68 9.16
N TRP A 305 -0.97 -5.87 10.18
CA TRP A 305 0.36 -5.28 10.38
C TRP A 305 1.38 -6.37 10.76
N ALA A 306 0.99 -7.29 11.63
CA ALA A 306 1.83 -8.43 11.97
C ALA A 306 2.21 -9.24 10.73
N GLN A 307 1.22 -9.56 9.91
CA GLN A 307 1.44 -10.27 8.64
C GLN A 307 2.47 -9.55 7.77
N ALA A 308 2.40 -8.23 7.72
CA ALA A 308 3.38 -7.45 6.94
C ALA A 308 4.81 -7.78 7.35
N VAL A 309 5.02 -7.98 8.66
CA VAL A 309 6.36 -8.28 9.20
C VAL A 309 6.82 -9.67 8.72
N LEU A 310 5.95 -10.67 8.84
CA LEU A 310 6.27 -12.02 8.40
C LEU A 310 6.45 -12.11 6.89
N PHE A 311 5.70 -11.31 6.14
CA PHE A 311 5.84 -11.24 4.69
C PHE A 311 7.19 -10.66 4.29
N SER A 312 7.58 -9.58 4.95
CA SER A 312 8.90 -8.98 4.75
C SER A 312 10.05 -9.95 5.14
N ALA A 313 9.86 -10.70 6.22
CA ALA A 313 10.85 -11.67 6.70
C ALA A 313 11.02 -12.87 5.78
N ASP A 314 9.90 -13.38 5.27
CA ASP A 314 9.89 -14.47 4.29
C ASP A 314 10.58 -14.06 2.98
N LEU A 315 10.42 -12.80 2.59
CA LEU A 315 11.09 -12.24 1.40
C LEU A 315 12.60 -12.15 1.65
N ARG A 316 13.34 -13.12 1.13
CA ARG A 316 14.81 -13.14 1.26
C ARG A 316 15.44 -14.06 0.21
#